data_2N16
#
_entry.id   2N16
#
_entity_poly.entity_id   1
_entity_poly.type   'polypeptide(L)'
_entity_poly.pdbx_seq_one_letter_code
;SMHPGHLKGREIGMWYAKKQ
;
_entity_poly.pdbx_strand_id   A
#
# COMPACT_ATOMS: atom_id res chain seq x y z
N SER A 1 -9.77 -9.10 5.87
CA SER A 1 -8.91 -9.47 4.75
C SER A 1 -7.48 -8.99 4.98
N MET A 2 -6.57 -9.45 4.13
CA MET A 2 -5.16 -9.07 4.24
C MET A 2 -4.99 -7.56 4.06
N HIS A 3 -4.53 -6.89 5.10
CA HIS A 3 -4.33 -5.44 5.06
C HIS A 3 -2.96 -5.12 4.48
N PRO A 4 -2.80 -3.86 4.01
CA PRO A 4 -1.55 -3.39 3.42
C PRO A 4 -0.44 -3.24 4.46
N GLY A 5 0.11 -4.38 4.89
CA GLY A 5 1.18 -4.35 5.87
C GLY A 5 2.56 -4.40 5.24
N HIS A 6 2.66 -5.08 4.10
CA HIS A 6 3.93 -5.20 3.40
C HIS A 6 4.31 -3.88 2.72
N LEU A 7 3.31 -3.17 2.22
CA LEU A 7 3.53 -1.89 1.55
C LEU A 7 3.63 -0.76 2.56
N LYS A 8 3.26 -1.05 3.80
CA LYS A 8 3.30 -0.05 4.87
C LYS A 8 4.55 0.83 4.74
N GLY A 9 5.63 0.24 4.24
CA GLY A 9 6.86 0.97 4.07
C GLY A 9 6.73 2.11 3.08
N ARG A 10 7.51 2.06 2.00
CA ARG A 10 7.48 3.09 0.98
C ARG A 10 6.35 2.84 -0.02
N GLU A 11 6.08 1.56 -0.28
CA GLU A 11 5.02 1.18 -1.22
C GLU A 11 3.70 1.81 -0.82
N ILE A 12 3.58 2.18 0.45
CA ILE A 12 2.35 2.80 0.96
C ILE A 12 1.90 3.95 0.06
N GLY A 13 2.85 4.54 -0.66
CA GLY A 13 2.53 5.64 -1.55
C GLY A 13 1.42 5.30 -2.51
N MET A 14 1.36 4.04 -2.93
CA MET A 14 0.33 3.59 -3.86
C MET A 14 -0.97 3.32 -3.13
N TRP A 15 -0.88 3.06 -1.83
CA TRP A 15 -2.06 2.78 -1.01
C TRP A 15 -3.13 3.84 -1.23
N TYR A 16 -2.81 5.08 -0.88
CA TYR A 16 -3.75 6.18 -1.04
C TYR A 16 -4.31 6.23 -2.45
N ALA A 17 -3.42 6.25 -3.43
CA ALA A 17 -3.82 6.30 -4.83
C ALA A 17 -4.79 5.17 -5.16
N LYS A 18 -4.62 4.03 -4.49
CA LYS A 18 -5.47 2.87 -4.70
C LYS A 18 -5.37 2.39 -6.14
N LYS A 19 -4.15 2.25 -6.64
CA LYS A 19 -3.92 1.79 -8.00
C LYS A 19 -3.44 0.33 -8.01
N GLN A 20 -3.39 -0.26 -9.20
CA GLN A 20 -2.94 -1.64 -9.34
C GLN A 20 -1.57 -1.84 -8.69
N SER A 1 -1.31 -11.93 4.76
CA SER A 1 -1.49 -10.49 4.99
C SER A 1 -2.62 -9.95 4.13
N MET A 2 -3.65 -9.40 4.78
CA MET A 2 -4.79 -8.83 4.08
C MET A 2 -4.60 -7.34 3.83
N HIS A 3 -4.39 -6.59 4.91
CA HIS A 3 -4.20 -5.14 4.81
C HIS A 3 -2.80 -4.83 4.27
N PRO A 4 -2.64 -3.59 3.75
CA PRO A 4 -1.37 -3.14 3.19
C PRO A 4 -0.30 -2.93 4.25
N GLY A 5 0.29 -4.04 4.71
CA GLY A 5 1.32 -3.98 5.73
C GLY A 5 2.71 -3.98 5.13
N HIS A 6 2.86 -4.65 4.00
CA HIS A 6 4.16 -4.73 3.32
C HIS A 6 4.50 -3.42 2.64
N LEU A 7 3.48 -2.77 2.07
CA LEU A 7 3.68 -1.50 1.38
C LEU A 7 3.67 -0.34 2.37
N LYS A 8 3.25 -0.62 3.60
CA LYS A 8 3.20 0.41 4.63
C LYS A 8 4.39 1.35 4.54
N GLY A 9 5.53 0.80 4.11
CA GLY A 9 6.73 1.61 3.98
C GLY A 9 6.58 2.71 2.96
N ARG A 10 7.40 2.68 1.91
CA ARG A 10 7.34 3.69 0.87
C ARG A 10 6.27 3.36 -0.16
N GLU A 11 6.08 2.07 -0.41
CA GLU A 11 5.08 1.63 -1.38
C GLU A 11 3.70 2.19 -1.03
N ILE A 12 3.52 2.57 0.23
CA ILE A 12 2.25 3.12 0.69
C ILE A 12 1.76 4.23 -0.24
N GLY A 13 2.70 4.86 -0.93
CA GLY A 13 2.36 5.93 -1.85
C GLY A 13 1.29 5.52 -2.84
N MET A 14 1.32 4.26 -3.25
CA MET A 14 0.35 3.75 -4.21
C MET A 14 -0.97 3.40 -3.51
N TRP A 15 -0.89 3.16 -2.21
CA TRP A 15 -2.07 2.82 -1.42
C TRP A 15 -3.21 3.81 -1.68
N TYR A 16 -2.97 5.07 -1.34
CA TYR A 16 -3.96 6.12 -1.53
C TYR A 16 -4.48 6.11 -2.97
N ALA A 17 -3.56 6.13 -3.92
CA ALA A 17 -3.92 6.14 -5.34
C ALA A 17 -4.84 4.96 -5.67
N LYS A 18 -4.59 3.82 -5.04
CA LYS A 18 -5.39 2.63 -5.26
C LYS A 18 -5.39 2.24 -6.75
N LYS A 19 -4.31 2.59 -7.44
CA LYS A 19 -4.18 2.28 -8.85
C LYS A 19 -4.31 0.78 -9.10
N GLN A 20 -4.34 0.40 -10.37
CA GLN A 20 -4.47 -1.02 -10.74
C GLN A 20 -3.86 -1.28 -12.10
N SER A 1 -5.95 -12.67 0.61
CA SER A 1 -5.35 -11.34 0.52
C SER A 1 -5.34 -10.67 1.89
N MET A 2 -4.38 -9.79 2.11
CA MET A 2 -4.26 -9.08 3.38
C MET A 2 -4.00 -7.60 3.16
N HIS A 3 -4.49 -6.76 4.07
CA HIS A 3 -4.32 -5.32 3.96
C HIS A 3 -2.85 -4.97 3.75
N PRO A 4 -2.60 -3.75 3.25
CA PRO A 4 -1.24 -3.26 2.98
C PRO A 4 -0.47 -2.99 4.27
N GLY A 5 0.01 -4.06 4.91
CA GLY A 5 0.76 -3.91 6.14
C GLY A 5 2.26 -3.91 5.90
N HIS A 6 2.71 -4.62 4.87
CA HIS A 6 4.13 -4.69 4.54
C HIS A 6 4.60 -3.39 3.90
N LEU A 7 3.73 -2.79 3.09
CA LEU A 7 4.07 -1.54 2.41
C LEU A 7 3.80 -0.35 3.31
N LYS A 8 3.10 -0.59 4.42
CA LYS A 8 2.80 0.48 5.37
C LYS A 8 3.97 1.43 5.52
N GLY A 9 5.18 0.90 5.39
CA GLY A 9 6.37 1.72 5.52
C GLY A 9 6.45 2.80 4.45
N ARG A 10 7.49 2.73 3.63
CA ARG A 10 7.68 3.70 2.55
C ARG A 10 6.86 3.33 1.32
N GLU A 11 6.77 2.03 1.06
CA GLU A 11 6.02 1.53 -0.09
C GLU A 11 4.59 2.08 -0.08
N ILE A 12 4.12 2.49 1.09
CA ILE A 12 2.78 3.03 1.22
C ILE A 12 2.50 4.10 0.18
N GLY A 13 3.57 4.74 -0.29
CA GLY A 13 3.44 5.79 -1.30
C GLY A 13 2.63 5.32 -2.50
N MET A 14 2.79 4.05 -2.86
CA MET A 14 2.07 3.50 -4.00
C MET A 14 0.64 3.14 -3.62
N TRP A 15 0.41 2.93 -2.33
CA TRP A 15 -0.92 2.58 -1.84
C TRP A 15 -1.98 3.55 -2.37
N TYR A 16 -1.84 4.82 -2.00
CA TYR A 16 -2.78 5.84 -2.44
C TYR A 16 -2.95 5.81 -3.96
N ALA A 17 -1.83 5.77 -4.68
CA ALA A 17 -1.86 5.73 -6.13
C ALA A 17 -2.72 4.59 -6.64
N LYS A 18 -2.78 3.51 -5.87
CA LYS A 18 -3.57 2.35 -6.23
C LYS A 18 -5.06 2.70 -6.29
N LYS A 19 -5.71 2.32 -7.39
CA LYS A 19 -7.13 2.59 -7.57
C LYS A 19 -7.96 1.33 -7.35
N GLN A 20 -9.21 1.51 -6.95
CA GLN A 20 -10.10 0.38 -6.72
C GLN A 20 -11.49 0.65 -7.29
N SER A 1 -8.30 -11.72 4.64
CA SER A 1 -7.39 -11.05 3.72
C SER A 1 -6.15 -10.54 4.45
N MET A 2 -5.27 -9.86 3.72
CA MET A 2 -4.04 -9.32 4.30
C MET A 2 -3.97 -7.81 4.09
N HIS A 3 -3.85 -7.07 5.19
CA HIS A 3 -3.77 -5.62 5.12
C HIS A 3 -2.45 -5.18 4.49
N PRO A 4 -2.40 -3.93 4.01
CA PRO A 4 -1.20 -3.37 3.38
C PRO A 4 -0.09 -3.12 4.38
N GLY A 5 0.54 -4.20 4.84
CA GLY A 5 1.63 -4.08 5.80
C GLY A 5 2.99 -4.11 5.14
N HIS A 6 3.07 -4.74 3.97
CA HIS A 6 4.33 -4.83 3.24
C HIS A 6 4.65 -3.52 2.55
N LEU A 7 3.61 -2.83 2.06
CA LEU A 7 3.79 -1.55 1.38
C LEU A 7 3.92 -0.41 2.38
N LYS A 8 3.61 -0.71 3.64
CA LYS A 8 3.69 0.29 4.70
C LYS A 8 4.89 1.20 4.50
N GLY A 9 5.97 0.64 3.96
CA GLY A 9 7.17 1.42 3.72
C GLY A 9 6.95 2.54 2.73
N ARG A 10 7.70 2.51 1.63
CA ARG A 10 7.58 3.54 0.60
C ARG A 10 6.42 3.23 -0.35
N GLU A 11 6.18 1.94 -0.57
CA GLU A 11 5.11 1.52 -1.45
C GLU A 11 3.77 2.10 -1.02
N ILE A 12 3.70 2.50 0.25
CA ILE A 12 2.47 3.08 0.79
C ILE A 12 1.95 4.20 -0.10
N GLY A 13 2.85 4.81 -0.87
CA GLY A 13 2.46 5.89 -1.76
C GLY A 13 1.32 5.50 -2.67
N MET A 14 1.29 4.24 -3.08
CA MET A 14 0.24 3.74 -3.96
C MET A 14 -1.03 3.44 -3.17
N TRP A 15 -0.88 3.21 -1.87
CA TRP A 15 -2.01 2.91 -1.01
C TRP A 15 -3.12 3.93 -1.20
N TYR A 16 -2.82 5.19 -0.87
CA TYR A 16 -3.80 6.27 -1.00
C TYR A 16 -4.36 6.32 -2.42
N ALA A 17 -3.48 6.35 -3.40
CA ALA A 17 -3.88 6.40 -4.80
C ALA A 17 -4.89 5.30 -5.12
N LYS A 18 -4.79 4.18 -4.41
CA LYS A 18 -5.69 3.05 -4.61
C LYS A 18 -5.68 2.61 -6.07
N LYS A 19 -4.57 2.85 -6.75
CA LYS A 19 -4.43 2.47 -8.16
C LYS A 19 -3.94 1.03 -8.27
N GLN A 20 -4.23 0.41 -9.41
CA GLN A 20 -3.83 -0.97 -9.66
C GLN A 20 -2.31 -1.09 -9.63
N SER A 1 -1.66 -11.39 5.89
CA SER A 1 -1.60 -9.95 5.74
C SER A 1 -2.06 -9.53 4.35
N MET A 2 -3.31 -9.84 4.02
CA MET A 2 -3.87 -9.50 2.72
C MET A 2 -3.79 -7.99 2.48
N HIS A 3 -4.06 -7.21 3.52
CA HIS A 3 -4.02 -5.76 3.41
C HIS A 3 -2.58 -5.27 3.28
N PRO A 4 -2.42 -4.03 2.78
CA PRO A 4 -1.10 -3.41 2.59
C PRO A 4 -0.43 -3.07 3.91
N GLY A 5 0.04 -4.10 4.61
CA GLY A 5 0.70 -3.89 5.89
C GLY A 5 2.21 -3.84 5.76
N HIS A 6 2.74 -4.50 4.73
CA HIS A 6 4.18 -4.54 4.50
C HIS A 6 4.66 -3.22 3.90
N LEU A 7 3.92 -2.71 2.93
CA LEU A 7 4.27 -1.45 2.28
C LEU A 7 4.03 -0.27 3.20
N LYS A 8 3.35 -0.52 4.32
CA LYS A 8 3.05 0.53 5.29
C LYS A 8 4.22 1.48 5.44
N GLY A 9 5.44 0.95 5.30
CA GLY A 9 6.63 1.77 5.41
C GLY A 9 6.70 2.84 4.34
N ARG A 10 7.76 2.82 3.55
CA ARG A 10 7.95 3.79 2.47
C ARG A 10 7.18 3.38 1.23
N GLU A 11 7.06 2.07 1.02
CA GLU A 11 6.35 1.56 -0.14
C GLU A 11 4.92 2.09 -0.20
N ILE A 12 4.42 2.54 0.95
CA ILE A 12 3.07 3.09 1.03
C ILE A 12 2.83 4.14 -0.05
N GLY A 13 3.92 4.76 -0.51
CA GLY A 13 3.81 5.78 -1.54
C GLY A 13 3.05 5.29 -2.75
N MET A 14 3.19 4.01 -3.07
CA MET A 14 2.50 3.43 -4.22
C MET A 14 1.05 3.11 -3.87
N TRP A 15 0.77 2.95 -2.59
CA TRP A 15 -0.58 2.63 -2.13
C TRP A 15 -1.59 3.61 -2.72
N TYR A 16 -1.44 4.89 -2.38
CA TYR A 16 -2.35 5.92 -2.89
C TYR A 16 -2.47 5.84 -4.40
N ALA A 17 -1.33 5.78 -5.08
CA ALA A 17 -1.31 5.71 -6.54
C ALA A 17 -2.21 4.59 -7.05
N LYS A 18 -2.35 3.54 -6.24
CA LYS A 18 -3.19 2.40 -6.60
C LYS A 18 -4.65 2.80 -6.68
N LYS A 19 -5.38 2.18 -7.59
CA LYS A 19 -6.81 2.46 -7.77
C LYS A 19 -7.62 1.19 -7.80
N GLN A 20 -8.92 1.30 -7.51
CA GLN A 20 -9.81 0.15 -7.51
C GLN A 20 -10.07 -0.35 -8.93
N SER A 1 -2.22 -9.29 7.73
CA SER A 1 -1.69 -9.99 6.55
C SER A 1 -2.39 -9.51 5.29
N MET A 2 -3.70 -9.70 5.23
CA MET A 2 -4.48 -9.28 4.07
C MET A 2 -4.33 -7.79 3.81
N HIS A 3 -4.35 -7.00 4.88
CA HIS A 3 -4.21 -5.56 4.77
C HIS A 3 -2.82 -5.19 4.27
N PRO A 4 -2.68 -3.96 3.75
CA PRO A 4 -1.42 -3.45 3.22
C PRO A 4 -0.40 -3.20 4.32
N GLY A 5 0.15 -4.27 4.88
CA GLY A 5 1.14 -4.15 5.94
C GLY A 5 2.55 -4.22 5.42
N HIS A 6 2.74 -4.90 4.29
CA HIS A 6 4.06 -5.05 3.70
C HIS A 6 4.49 -3.76 3.00
N LEU A 7 3.57 -3.17 2.24
CA LEU A 7 3.85 -1.93 1.53
C LEU A 7 3.95 -0.75 2.49
N LYS A 8 3.57 -0.97 3.74
CA LYS A 8 3.62 0.07 4.76
C LYS A 8 4.88 0.92 4.59
N GLY A 9 5.96 0.30 4.14
CA GLY A 9 7.21 1.01 3.95
C GLY A 9 7.09 2.10 2.89
N ARG A 10 7.90 2.00 1.85
CA ARG A 10 7.89 2.98 0.77
C ARG A 10 6.79 2.66 -0.24
N GLU A 11 6.51 1.38 -0.42
CA GLU A 11 5.48 0.94 -1.35
C GLU A 11 4.13 1.60 -1.03
N ILE A 12 3.99 2.06 0.21
CA ILE A 12 2.76 2.72 0.64
C ILE A 12 2.35 3.82 -0.34
N GLY A 13 3.33 4.35 -1.07
CA GLY A 13 3.05 5.40 -2.03
C GLY A 13 1.95 5.02 -3.00
N MET A 14 1.89 3.73 -3.36
CA MET A 14 0.89 3.23 -4.28
C MET A 14 -0.45 3.02 -3.57
N TRP A 15 -0.40 2.85 -2.26
CA TRP A 15 -1.61 2.65 -1.46
C TRP A 15 -2.65 3.72 -1.78
N TYR A 16 -2.30 4.98 -1.51
CA TYR A 16 -3.21 6.08 -1.75
C TYR A 16 -3.74 6.05 -3.18
N ALA A 17 -2.85 5.81 -4.13
CA ALA A 17 -3.22 5.74 -5.54
C ALA A 17 -4.29 4.68 -5.77
N LYS A 18 -3.95 3.42 -5.48
CA LYS A 18 -4.88 2.32 -5.66
C LYS A 18 -5.45 2.30 -7.08
N LYS A 19 -4.57 2.47 -8.07
CA LYS A 19 -4.99 2.47 -9.46
C LYS A 19 -3.90 1.87 -10.35
N GLN A 20 -4.31 1.01 -11.28
CA GLN A 20 -3.38 0.37 -12.20
C GLN A 20 -3.34 1.09 -13.54
N SER A 1 -7.98 -11.15 2.83
CA SER A 1 -6.96 -10.55 1.97
C SER A 1 -5.87 -9.88 2.80
N MET A 2 -4.65 -9.95 2.30
CA MET A 2 -3.51 -9.34 3.00
C MET A 2 -3.46 -7.84 2.75
N HIS A 3 -3.74 -7.06 3.79
CA HIS A 3 -3.74 -5.60 3.68
C HIS A 3 -2.31 -5.08 3.51
N PRO A 4 -2.19 -3.85 3.01
CA PRO A 4 -0.90 -3.20 2.78
C PRO A 4 -0.19 -2.85 4.09
N GLY A 5 0.32 -3.86 4.78
CA GLY A 5 1.01 -3.64 6.04
C GLY A 5 2.52 -3.57 5.87
N HIS A 6 3.02 -4.21 4.83
CA HIS A 6 4.46 -4.22 4.55
C HIS A 6 4.90 -2.89 3.94
N LEU A 7 4.11 -2.40 2.99
CA LEU A 7 4.43 -1.13 2.33
C LEU A 7 4.19 0.05 3.26
N LYS A 8 3.54 -0.22 4.39
CA LYS A 8 3.26 0.82 5.38
C LYS A 8 4.42 1.80 5.48
N GLY A 9 5.64 1.29 5.31
CA GLY A 9 6.81 2.14 5.40
C GLY A 9 6.82 3.21 4.32
N ARG A 10 7.87 3.20 3.51
CA ARG A 10 8.00 4.18 2.43
C ARG A 10 7.22 3.75 1.20
N GLU A 11 7.11 2.44 0.99
CA GLU A 11 6.38 1.90 -0.15
C GLU A 11 4.95 2.42 -0.17
N ILE A 12 4.47 2.86 0.99
CA ILE A 12 3.11 3.38 1.12
C ILE A 12 2.83 4.43 0.04
N GLY A 13 3.88 5.06 -0.44
CA GLY A 13 3.73 6.08 -1.47
C GLY A 13 2.93 5.59 -2.66
N MET A 14 3.10 4.31 -2.99
CA MET A 14 2.39 3.71 -4.11
C MET A 14 0.96 3.36 -3.74
N TRP A 15 0.72 3.19 -2.44
CA TRP A 15 -0.62 2.85 -1.95
C TRP A 15 -1.66 3.80 -2.51
N TYR A 16 -1.53 5.08 -2.19
CA TYR A 16 -2.46 6.10 -2.65
C TYR A 16 -2.63 6.03 -4.17
N ALA A 17 -1.51 5.95 -4.88
CA ALA A 17 -1.53 5.88 -6.33
C ALA A 17 -2.44 4.76 -6.82
N LYS A 18 -2.53 3.70 -6.02
CA LYS A 18 -3.37 2.56 -6.36
C LYS A 18 -4.85 2.92 -6.29
N LYS A 19 -5.60 2.51 -7.30
CA LYS A 19 -7.03 2.80 -7.35
C LYS A 19 -7.81 1.58 -7.84
N GLN A 20 -9.03 1.43 -7.34
CA GLN A 20 -9.88 0.32 -7.73
C GLN A 20 -11.04 0.78 -8.61
N SER A 1 -7.71 -12.39 2.90
CA SER A 1 -7.64 -10.96 2.67
C SER A 1 -6.66 -10.30 3.65
N MET A 2 -5.50 -9.91 3.13
CA MET A 2 -4.48 -9.26 3.95
C MET A 2 -4.43 -7.77 3.68
N HIS A 3 -3.90 -7.01 4.64
CA HIS A 3 -3.79 -5.56 4.51
C HIS A 3 -2.36 -5.15 4.15
N PRO A 4 -2.22 -3.94 3.61
CA PRO A 4 -0.92 -3.39 3.21
C PRO A 4 -0.03 -3.08 4.41
N GLY A 5 0.56 -4.12 4.99
CA GLY A 5 1.42 -3.93 6.14
C GLY A 5 2.89 -3.85 5.77
N HIS A 6 3.25 -4.55 4.68
CA HIS A 6 4.63 -4.56 4.22
C HIS A 6 4.98 -3.24 3.53
N LEU A 7 4.01 -2.70 2.79
CA LEU A 7 4.21 -1.44 2.08
C LEU A 7 3.98 -0.24 3.00
N LYS A 8 3.40 -0.51 4.17
CA LYS A 8 3.13 0.53 5.14
C LYS A 8 4.25 1.56 5.18
N GLY A 9 5.47 1.10 4.94
CA GLY A 9 6.62 1.99 4.94
C GLY A 9 6.54 3.05 3.86
N ARG A 10 7.50 3.04 2.95
CA ARG A 10 7.54 4.00 1.86
C ARG A 10 6.65 3.55 0.70
N GLU A 11 6.59 2.24 0.48
CA GLU A 11 5.78 1.69 -0.60
C GLU A 11 4.33 2.15 -0.47
N ILE A 12 3.94 2.56 0.73
CA ILE A 12 2.58 3.03 0.98
C ILE A 12 2.16 4.07 -0.05
N GLY A 13 3.14 4.75 -0.64
CA GLY A 13 2.85 5.76 -1.64
C GLY A 13 1.96 5.23 -2.75
N MET A 14 2.16 3.96 -3.10
CA MET A 14 1.37 3.33 -4.17
C MET A 14 0.00 2.91 -3.65
N TRP A 15 -0.10 2.73 -2.33
CA TRP A 15 -1.36 2.32 -1.71
C TRP A 15 -2.50 3.22 -2.18
N TYR A 16 -2.42 4.50 -1.87
CA TYR A 16 -3.45 5.46 -2.25
C TYR A 16 -3.41 5.73 -3.75
N ALA A 17 -2.23 5.57 -4.34
CA ALA A 17 -2.06 5.79 -5.77
C ALA A 17 -2.94 4.84 -6.58
N LYS A 18 -3.14 3.64 -6.06
CA LYS A 18 -3.96 2.64 -6.74
C LYS A 18 -5.41 3.08 -6.81
N LYS A 19 -6.20 2.40 -7.63
CA LYS A 19 -7.61 2.72 -7.79
C LYS A 19 -8.48 1.48 -7.58
N GLN A 20 -9.70 1.70 -7.09
CA GLN A 20 -10.63 0.59 -6.85
C GLN A 20 -11.23 0.10 -8.15
N SER A 1 -8.75 -9.47 2.17
CA SER A 1 -8.45 -9.59 3.59
C SER A 1 -7.06 -9.02 3.90
N MET A 2 -6.07 -9.51 3.19
CA MET A 2 -4.69 -9.06 3.38
C MET A 2 -4.54 -7.59 3.01
N HIS A 3 -4.26 -6.76 4.00
CA HIS A 3 -4.09 -5.32 3.79
C HIS A 3 -2.63 -4.98 3.55
N PRO A 4 -2.39 -3.81 2.94
CA PRO A 4 -1.03 -3.33 2.66
C PRO A 4 -0.26 -2.96 3.92
N GLY A 5 0.19 -3.96 4.65
CA GLY A 5 0.93 -3.72 5.88
C GLY A 5 2.43 -3.76 5.66
N HIS A 6 2.85 -4.48 4.62
CA HIS A 6 4.28 -4.60 4.31
C HIS A 6 4.80 -3.33 3.64
N LEU A 7 4.05 -2.84 2.66
CA LEU A 7 4.45 -1.64 1.93
C LEU A 7 4.31 -0.40 2.82
N LYS A 8 3.68 -0.57 3.97
CA LYS A 8 3.48 0.52 4.92
C LYS A 8 4.71 1.43 4.96
N GLY A 9 5.89 0.82 4.80
CA GLY A 9 7.12 1.58 4.81
C GLY A 9 7.19 2.61 3.70
N ARG A 10 8.20 2.49 2.84
CA ARG A 10 8.38 3.40 1.74
C ARG A 10 7.52 2.99 0.54
N GLU A 11 7.33 1.69 0.38
CA GLU A 11 6.52 1.17 -0.71
C GLU A 11 5.12 1.78 -0.71
N ILE A 12 4.72 2.29 0.45
CA ILE A 12 3.40 2.92 0.58
C ILE A 12 3.16 3.93 -0.52
N GLY A 13 4.25 4.48 -1.06
CA GLY A 13 4.13 5.47 -2.13
C GLY A 13 3.27 4.99 -3.28
N MET A 14 3.33 3.68 -3.55
CA MET A 14 2.55 3.10 -4.63
C MET A 14 1.11 2.86 -4.20
N TRP A 15 0.90 2.76 -2.89
CA TRP A 15 -0.44 2.54 -2.36
C TRP A 15 -1.43 3.54 -2.93
N TYR A 16 -1.19 4.82 -2.68
CA TYR A 16 -2.06 5.87 -3.17
C TYR A 16 -2.31 5.74 -4.67
N ALA A 17 -1.23 5.49 -5.41
CA ALA A 17 -1.32 5.33 -6.86
C ALA A 17 -2.37 4.29 -7.22
N LYS A 18 -2.56 3.31 -6.34
CA LYS A 18 -3.53 2.25 -6.57
C LYS A 18 -4.96 2.79 -6.51
N LYS A 19 -5.80 2.36 -7.45
CA LYS A 19 -7.19 2.80 -7.50
C LYS A 19 -8.01 1.89 -8.40
N GLN A 20 -9.27 1.67 -8.02
CA GLN A 20 -10.16 0.82 -8.79
C GLN A 20 -11.53 1.47 -8.96
N SER A 1 -6.92 -13.07 2.71
CA SER A 1 -7.27 -11.64 2.70
C SER A 1 -6.57 -10.91 3.86
N MET A 2 -5.57 -10.12 3.53
CA MET A 2 -4.84 -9.35 4.54
C MET A 2 -4.87 -7.87 4.22
N HIS A 3 -4.19 -7.07 5.05
CA HIS A 3 -4.15 -5.63 4.86
C HIS A 3 -2.72 -5.18 4.55
N PRO A 4 -2.60 -4.01 3.90
CA PRO A 4 -1.29 -3.45 3.54
C PRO A 4 -0.50 -2.96 4.75
N GLY A 5 0.05 -3.92 5.49
CA GLY A 5 0.83 -3.58 6.67
C GLY A 5 2.32 -3.51 6.39
N HIS A 6 2.78 -4.32 5.43
CA HIS A 6 4.19 -4.36 5.07
C HIS A 6 4.57 -3.12 4.28
N LEU A 7 3.65 -2.64 3.44
CA LEU A 7 3.89 -1.46 2.63
C LEU A 7 3.61 -0.18 3.42
N LYS A 8 2.97 -0.34 4.57
CA LYS A 8 2.63 0.79 5.42
C LYS A 8 3.77 1.81 5.45
N GLY A 9 5.00 1.32 5.32
CA GLY A 9 6.15 2.21 5.32
C GLY A 9 6.14 3.16 4.13
N ARG A 10 7.18 3.07 3.30
CA ARG A 10 7.30 3.92 2.13
C ARG A 10 6.49 3.36 0.96
N GLU A 11 6.45 2.03 0.87
CA GLU A 11 5.71 1.36 -0.20
C GLU A 11 4.26 1.84 -0.25
N ILE A 12 3.78 2.38 0.88
CA ILE A 12 2.42 2.87 0.97
C ILE A 12 2.08 3.78 -0.21
N GLY A 13 3.11 4.40 -0.78
CA GLY A 13 2.91 5.30 -1.91
C GLY A 13 2.12 4.64 -3.02
N MET A 14 2.31 3.34 -3.21
CA MET A 14 1.61 2.61 -4.25
C MET A 14 0.19 2.25 -3.81
N TRP A 15 -0.03 2.22 -2.50
CA TRP A 15 -1.33 1.89 -1.94
C TRP A 15 -2.42 2.73 -2.61
N TYR A 16 -2.34 4.04 -2.42
CA TYR A 16 -3.32 4.95 -3.00
C TYR A 16 -3.15 5.05 -4.51
N ALA A 17 -1.93 4.83 -4.99
CA ALA A 17 -1.64 4.89 -6.41
C ALA A 17 -2.54 3.94 -7.19
N LYS A 18 -3.00 2.88 -6.54
CA LYS A 18 -3.86 1.90 -7.17
C LYS A 18 -5.30 2.38 -7.19
N LYS A 19 -5.66 3.12 -8.23
CA LYS A 19 -7.01 3.65 -8.37
C LYS A 19 -7.84 2.78 -9.30
N GLN A 20 -9.09 2.52 -8.92
CA GLN A 20 -9.98 1.69 -9.72
C GLN A 20 -10.06 2.21 -11.15
#